data_8TAD
#
_entry.id   8TAD
#
_cell.length_a   169.877
_cell.length_b   169.877
_cell.length_c   54.639
_cell.angle_alpha   90.00
_cell.angle_beta   90.00
_cell.angle_gamma   120.00
#
_symmetry.space_group_name_H-M   'P 63 2 2'
#
loop_
_entity.id
_entity.type
_entity.pdbx_description
1 polymer 'Ricin A chain'
2 non-polymer '(9aM)-5,5-dimethyl-4,5-dihydronaphtho[1,2-b]thiophene-2-carboxylic acid'
3 non-polymer 'CHLORIDE ION'
4 non-polymer 'NONAETHYLENE GLYCOL'
5 water water
#
_entity_poly.entity_id   1
_entity_poly.type   'polypeptide(L)'
_entity_poly.pdbx_seq_one_letter_code
;KQYPIINFTTAGATVQSYTNFIRAVRGRLTTGADVRHEIPVLPNRVGLPINQRFILVELSNHAELSVTLALDVTNAYVVG
YRAGNSAYFFHPDNQEDAEAITHLFTDVQNRYTFAFGGNYDRLEQLAGNLRENIELGNGPLEEAISALYYYSTGGTQLPT
LARSFIICIQMISEAARFQYIEGEMRTRIRYNRRSAPDPSVITLENSWGRLSTAIQESNQGAFASPIQLQRRNGSKFSVY
DVSILIPIIALMVYR
;
_entity_poly.pdbx_strand_id   A
#
loop_
_chem_comp.id
_chem_comp.type
_chem_comp.name
_chem_comp.formula
2PE non-polymer 'NONAETHYLENE GLYCOL' 'C18 H38 O10'
CL non-polymer 'CHLORIDE ION' 'Cl -1'
ZXJ non-polymer '(9aM)-5,5-dimethyl-4,5-dihydronaphtho[1,2-b]thiophene-2-carboxylic acid' 'C15 H14 O2 S'
#
# COMPACT_ATOMS: atom_id res chain seq x y z
N LYS A 1 21.51 -0.35 13.06
CA LYS A 1 21.07 -0.83 11.75
C LYS A 1 19.65 -0.37 11.44
N GLN A 2 19.52 0.38 10.35
CA GLN A 2 18.22 0.90 9.91
C GLN A 2 17.73 0.12 8.69
N TYR A 3 16.41 0.09 8.53
CA TYR A 3 15.78 -0.61 7.43
C TYR A 3 15.98 0.17 6.13
N PRO A 4 15.75 -0.46 4.97
CA PRO A 4 15.82 0.29 3.71
C PRO A 4 14.79 1.40 3.66
N ILE A 5 15.23 2.56 3.17
CA ILE A 5 14.40 3.77 3.13
C ILE A 5 14.26 4.22 1.68
N ILE A 6 13.03 4.53 1.28
CA ILE A 6 12.73 5.02 -0.06
C ILE A 6 12.12 6.41 0.08
N ASN A 7 12.61 7.37 -0.72
CA ASN A 7 12.19 8.75 -0.64
C ASN A 7 11.36 9.13 -1.87
N PHE A 8 10.16 9.63 -1.64
CA PHE A 8 9.32 10.20 -2.69
C PHE A 8 8.73 11.51 -2.17
N THR A 9 8.58 12.47 -3.08
CA THR A 9 8.01 13.77 -2.76
C THR A 9 6.99 14.16 -3.80
N THR A 10 5.91 14.82 -3.36
CA THR A 10 4.87 15.30 -4.24
C THR A 10 5.18 16.68 -4.83
N ALA A 11 6.19 17.36 -4.30
CA ALA A 11 6.58 18.68 -4.81
C ALA A 11 7.15 18.52 -6.21
N GLY A 12 6.34 18.86 -7.21
CA GLY A 12 6.78 18.73 -8.59
C GLY A 12 6.88 17.30 -9.08
N ALA A 13 6.06 16.40 -8.55
CA ALA A 13 6.08 15.01 -8.98
C ALA A 13 5.61 14.89 -10.42
N THR A 14 6.38 14.18 -11.23
CA THR A 14 6.03 13.92 -12.62
C THR A 14 5.64 12.45 -12.78
N VAL A 15 5.23 12.10 -14.01
CA VAL A 15 4.87 10.71 -14.30
C VAL A 15 6.09 9.82 -14.12
N GLN A 16 7.27 10.32 -14.48
CA GLN A 16 8.50 9.53 -14.37
C GLN A 16 8.96 9.41 -12.92
N SER A 17 8.92 10.50 -12.16
CA SER A 17 9.38 10.46 -10.78
C SER A 17 8.53 9.53 -9.92
N TYR A 18 7.23 9.42 -10.23
CA TYR A 18 6.38 8.50 -9.50
C TYR A 18 6.53 7.07 -9.99
N THR A 19 6.82 6.87 -11.28
CA THR A 19 7.08 5.53 -11.79
C THR A 19 8.35 4.97 -11.18
N ASN A 20 9.42 5.77 -11.12
CA ASN A 20 10.66 5.31 -10.51
C ASN A 20 10.49 5.04 -9.03
N PHE A 21 9.60 5.78 -8.36
CA PHE A 21 9.32 5.54 -6.95
C PHE A 21 8.71 4.16 -6.75
N ILE A 22 7.62 3.87 -7.47
CA ILE A 22 6.95 2.58 -7.31
C ILE A 22 7.85 1.45 -7.76
N ARG A 23 8.62 1.66 -8.84
CA ARG A 23 9.59 0.65 -9.26
C ARG A 23 10.63 0.38 -8.18
N ALA A 24 10.97 1.39 -7.39
CA ALA A 24 11.91 1.19 -6.29
C ALA A 24 11.25 0.45 -5.14
N VAL A 25 9.97 0.68 -4.89
CA VAL A 25 9.27 -0.03 -3.83
C VAL A 25 9.20 -1.51 -4.14
N ARG A 26 8.89 -1.85 -5.40
CA ARG A 26 8.88 -3.26 -5.80
C ARG A 26 10.24 -3.91 -5.66
N GLY A 27 11.32 -3.14 -5.90
CA GLY A 27 12.65 -3.71 -5.80
C GLY A 27 13.02 -4.13 -4.39
N ARG A 28 12.82 -3.23 -3.43
CA ARG A 28 13.15 -3.56 -2.04
C ARG A 28 12.23 -4.64 -1.49
N LEU A 29 11.01 -4.75 -2.03
CA LEU A 29 10.07 -5.76 -1.54
C LEU A 29 10.43 -7.15 -2.02
N THR A 30 10.94 -7.27 -3.25
CA THR A 30 11.24 -8.56 -3.86
C THR A 30 12.72 -8.93 -3.76
N THR A 31 13.42 -8.39 -2.76
CA THR A 31 14.81 -8.79 -2.55
C THR A 31 14.90 -10.27 -2.20
N GLY A 32 14.01 -10.75 -1.33
CA GLY A 32 13.96 -12.15 -0.96
C GLY A 32 12.71 -12.83 -1.48
N VAL A 35 11.05 -15.25 -7.28
CA VAL A 35 12.30 -15.41 -8.00
C VAL A 35 12.10 -16.19 -9.31
N ARG A 36 12.02 -17.52 -9.20
CA ARG A 36 11.84 -18.35 -10.39
C ARG A 36 10.47 -18.15 -11.03
N HIS A 37 9.45 -17.85 -10.22
CA HIS A 37 8.09 -17.74 -10.72
C HIS A 37 7.98 -16.58 -11.71
N GLU A 38 7.03 -16.72 -12.65
CA GLU A 38 6.77 -15.66 -13.62
C GLU A 38 6.32 -14.38 -12.92
N ILE A 39 5.49 -14.51 -11.89
CA ILE A 39 5.12 -13.39 -11.04
C ILE A 39 5.93 -13.48 -9.75
N PRO A 40 6.57 -12.40 -9.31
CA PRO A 40 7.35 -12.47 -8.07
C PRO A 40 6.46 -12.74 -6.87
N VAL A 41 6.98 -13.54 -5.94
CA VAL A 41 6.26 -13.96 -4.75
C VAL A 41 6.90 -13.31 -3.53
N LEU A 42 6.08 -12.63 -2.74
CA LEU A 42 6.60 -11.92 -1.58
C LEU A 42 7.19 -12.91 -0.57
N PRO A 43 8.13 -12.46 0.27
CA PRO A 43 8.78 -13.38 1.21
C PRO A 43 7.80 -14.01 2.18
N ASN A 44 8.22 -15.15 2.73
CA ASN A 44 7.40 -15.89 3.67
C ASN A 44 7.48 -15.25 5.05
N ARG A 45 6.36 -15.22 5.76
CA ARG A 45 6.35 -14.63 7.10
C ARG A 45 7.09 -15.53 8.08
N VAL A 46 6.79 -16.83 8.09
CA VAL A 46 7.44 -17.73 9.03
C VAL A 46 8.89 -17.94 8.62
N GLY A 47 9.80 -17.76 9.58
CA GLY A 47 11.21 -17.90 9.33
C GLY A 47 11.93 -16.64 8.87
N LEU A 48 11.21 -15.56 8.62
CA LEU A 48 11.84 -14.34 8.14
C LEU A 48 12.44 -13.57 9.31
N PRO A 49 13.76 -13.38 9.35
CA PRO A 49 14.36 -12.62 10.45
C PRO A 49 13.96 -11.15 10.38
N ILE A 50 13.93 -10.52 11.56
CA ILE A 50 13.29 -9.21 11.68
C ILE A 50 14.09 -8.11 10.96
N ASN A 51 15.40 -8.28 10.83
CA ASN A 51 16.21 -7.25 10.18
C ASN A 51 15.91 -7.10 8.69
N GLN A 52 15.05 -7.96 8.13
CA GLN A 52 14.57 -7.80 6.76
C GLN A 52 13.05 -7.84 6.69
N ARG A 53 12.37 -7.64 7.82
CA ARG A 53 10.92 -7.76 7.87
C ARG A 53 10.19 -6.54 7.33
N PHE A 54 10.86 -5.38 7.27
CA PHE A 54 10.19 -4.13 6.93
C PHE A 54 11.03 -3.32 5.97
N ILE A 55 10.37 -2.33 5.35
CA ILE A 55 11.03 -1.26 4.61
C ILE A 55 10.32 0.03 4.96
N LEU A 56 11.05 1.15 4.85
CA LEU A 56 10.53 2.45 5.21
C LEU A 56 10.34 3.31 3.97
N VAL A 57 9.16 3.89 3.83
CA VAL A 57 8.82 4.76 2.72
C VAL A 57 8.50 6.13 3.30
N GLU A 58 9.44 7.06 3.20
CA GLU A 58 9.24 8.42 3.68
C GLU A 58 8.71 9.29 2.55
N LEU A 59 7.74 10.15 2.89
CA LEU A 59 7.11 11.02 1.90
C LEU A 59 7.15 12.46 2.37
N SER A 60 7.35 13.37 1.44
CA SER A 60 7.31 14.80 1.69
C SER A 60 6.44 15.47 0.65
N ASN A 61 6.04 16.70 0.93
CA ASN A 61 5.20 17.44 -0.01
C ASN A 61 5.75 18.85 -0.26
N HIS A 62 4.94 19.69 -0.90
N HIS A 62 4.94 19.69 -0.91
CA HIS A 62 5.38 21.04 -1.23
CA HIS A 62 5.34 21.05 -1.22
C HIS A 62 5.64 21.89 0.02
C HIS A 62 5.70 21.83 0.04
N ALA A 63 5.00 21.57 1.14
CA ALA A 63 5.22 22.28 2.39
C ALA A 63 6.39 21.72 3.18
N GLU A 64 7.18 20.83 2.58
CA GLU A 64 8.35 20.22 3.22
C GLU A 64 7.99 19.51 4.51
N LEU A 65 6.78 18.98 4.59
CA LEU A 65 6.37 18.18 5.73
C LEU A 65 6.63 16.71 5.41
N SER A 66 7.08 15.95 6.41
CA SER A 66 7.58 14.61 6.17
C SER A 66 6.96 13.60 7.13
N VAL A 67 6.64 12.42 6.59
CA VAL A 67 6.24 11.26 7.38
C VAL A 67 6.96 10.05 6.77
N THR A 68 7.13 9.01 7.59
CA THR A 68 7.77 7.77 7.17
C THR A 68 6.82 6.61 7.43
N LEU A 69 6.44 5.90 6.37
CA LEU A 69 5.57 4.75 6.50
C LEU A 69 6.38 3.47 6.61
N ALA A 70 5.89 2.54 7.42
CA ALA A 70 6.53 1.25 7.63
C ALA A 70 5.72 0.17 6.90
N LEU A 71 6.36 -0.49 5.94
CA LEU A 71 5.72 -1.49 5.11
C LEU A 71 6.29 -2.86 5.44
N ASP A 72 5.42 -3.78 5.84
CA ASP A 72 5.80 -5.18 5.99
C ASP A 72 6.19 -5.72 4.62
N VAL A 73 7.21 -6.58 4.59
CA VAL A 73 7.67 -7.13 3.32
C VAL A 73 6.97 -8.43 2.93
N THR A 74 6.30 -9.09 3.88
CA THR A 74 5.61 -10.34 3.56
C THR A 74 4.30 -10.10 2.82
N ASN A 75 3.61 -8.99 3.08
CA ASN A 75 2.36 -8.68 2.42
C ASN A 75 2.27 -7.23 1.93
N ALA A 76 3.37 -6.49 1.97
CA ALA A 76 3.47 -5.15 1.39
C ALA A 76 2.45 -4.16 1.97
N TYR A 77 1.99 -4.39 3.20
CA TYR A 77 0.97 -3.55 3.81
C TYR A 77 1.60 -2.60 4.82
N VAL A 78 1.08 -1.39 4.88
CA VAL A 78 1.55 -0.40 5.85
C VAL A 78 1.17 -0.87 7.25
N VAL A 79 2.17 -0.98 8.12
CA VAL A 79 1.94 -1.41 9.49
C VAL A 79 1.95 -0.22 10.46
N GLY A 80 2.48 0.92 10.06
CA GLY A 80 2.50 2.10 10.91
C GLY A 80 3.29 3.21 10.25
N TYR A 81 3.39 4.33 10.97
CA TYR A 81 4.12 5.47 10.44
C TYR A 81 4.65 6.33 11.57
N ARG A 82 5.74 7.02 11.30
CA ARG A 82 6.36 7.95 12.24
C ARG A 82 6.17 9.38 11.74
N ALA A 83 5.86 10.29 12.67
CA ALA A 83 5.73 11.71 12.36
C ALA A 83 6.46 12.49 13.44
N GLY A 84 7.64 13.01 13.11
CA GLY A 84 8.37 13.81 14.07
C GLY A 84 8.93 12.95 15.18
N ASN A 85 8.52 13.24 16.41
CA ASN A 85 8.99 12.53 17.60
C ASN A 85 8.03 11.42 18.03
N SER A 86 7.07 11.05 17.20
CA SER A 86 6.07 10.06 17.56
C SER A 86 5.93 9.02 16.45
N ALA A 87 5.54 7.81 16.86
CA ALA A 87 5.29 6.71 15.95
C ALA A 87 3.92 6.11 16.26
N TYR A 88 3.22 5.70 15.22
CA TYR A 88 1.86 5.18 15.35
C TYR A 88 1.77 3.83 14.64
N PHE A 89 1.09 2.88 15.28
CA PHE A 89 0.98 1.53 14.76
C PHE A 89 -0.47 1.05 14.82
N PHE A 90 -0.91 0.36 13.77
CA PHE A 90 -2.20 -0.30 13.79
C PHE A 90 -2.15 -1.48 14.78
N HIS A 91 -3.32 -1.90 15.22
CA HIS A 91 -3.39 -3.03 16.13
C HIS A 91 -2.94 -4.30 15.41
N PRO A 92 -1.97 -5.03 15.94
CA PRO A 92 -1.48 -6.23 15.27
C PRO A 92 -2.47 -7.39 15.36
N ASP A 93 -2.31 -8.34 14.44
CA ASP A 93 -3.22 -9.49 14.38
C ASP A 93 -2.92 -10.51 15.46
N ASN A 94 -1.64 -10.82 15.69
CA ASN A 94 -1.22 -11.72 16.74
C ASN A 94 0.02 -11.17 17.43
N GLN A 95 0.53 -11.92 18.41
CA GLN A 95 1.63 -11.43 19.23
C GLN A 95 2.97 -11.47 18.50
N GLU A 96 3.10 -12.37 17.51
CA GLU A 96 4.33 -12.38 16.70
C GLU A 96 4.49 -11.08 15.93
N ASP A 97 3.39 -10.57 15.38
CA ASP A 97 3.43 -9.28 14.68
C ASP A 97 3.52 -8.11 15.66
N ALA A 98 3.01 -8.27 16.89
CA ALA A 98 3.19 -7.25 17.90
C ALA A 98 4.63 -7.20 18.39
N GLU A 99 5.33 -8.33 18.37
CA GLU A 99 6.75 -8.35 18.71
C GLU A 99 7.62 -7.87 17.55
N ALA A 100 7.11 -7.89 16.33
CA ALA A 100 7.90 -7.41 15.20
C ALA A 100 7.90 -5.89 15.12
N ILE A 101 6.81 -5.24 15.52
CA ILE A 101 6.67 -3.79 15.33
C ILE A 101 7.47 -2.97 16.34
N THR A 102 7.96 -3.58 17.42
CA THR A 102 8.81 -2.85 18.35
C THR A 102 10.25 -2.76 17.87
N HIS A 103 10.53 -3.16 16.64
CA HIS A 103 11.86 -3.04 16.06
C HIS A 103 11.96 -1.92 15.03
N LEU A 104 10.85 -1.26 14.71
CA LEU A 104 10.85 -0.06 13.88
C LEU A 104 10.76 1.19 14.74
N PHE A 105 11.34 2.27 14.24
CA PHE A 105 11.29 3.57 14.89
C PHE A 105 11.72 3.45 16.35
N THR A 106 12.79 2.70 16.59
CA THR A 106 13.28 2.46 17.94
C THR A 106 13.87 3.71 18.59
N ASP A 107 13.75 4.87 17.95
CA ASP A 107 14.35 6.10 18.44
C ASP A 107 13.34 7.16 18.86
N VAL A 108 12.06 6.98 18.54
CA VAL A 108 11.08 8.02 18.88
C VAL A 108 10.83 8.02 20.39
N GLN A 109 10.29 9.13 20.87
CA GLN A 109 9.95 9.29 22.28
C GLN A 109 8.54 8.77 22.58
N ASN A 110 7.63 8.83 21.62
CA ASN A 110 6.23 8.49 21.83
C ASN A 110 5.82 7.39 20.87
N ARG A 111 5.37 6.27 21.42
CA ARG A 111 4.91 5.12 20.65
C ARG A 111 3.46 4.83 21.00
N TYR A 112 2.60 4.76 19.98
CA TYR A 112 1.17 4.55 20.19
C TYR A 112 0.69 3.43 19.28
N THR A 113 -0.18 2.58 19.83
CA THR A 113 -0.84 1.51 19.07
C THR A 113 -2.32 1.84 18.98
N PHE A 114 -2.83 1.95 17.76
CA PHE A 114 -4.24 2.23 17.54
C PHE A 114 -5.08 1.05 17.99
N ALA A 115 -6.34 1.34 18.34
CA ALA A 115 -7.27 0.29 18.72
C ALA A 115 -7.76 -0.53 17.54
N PHE A 116 -7.53 -0.07 16.32
CA PHE A 116 -8.12 -0.65 15.12
C PHE A 116 -7.02 -1.17 14.20
N GLY A 117 -7.42 -2.08 13.31
CA GLY A 117 -6.52 -2.56 12.29
C GLY A 117 -6.47 -1.63 11.08
N GLY A 118 -5.54 -1.93 10.19
CA GLY A 118 -5.34 -1.12 9.00
C GLY A 118 -6.10 -1.57 7.77
N ASN A 119 -6.98 -2.56 7.88
CA ASN A 119 -7.71 -3.04 6.72
C ASN A 119 -8.66 -1.96 6.20
N TYR A 120 -9.09 -2.13 4.94
CA TYR A 120 -9.84 -1.08 4.26
C TYR A 120 -11.18 -0.83 4.96
N ASP A 121 -11.97 -1.89 5.17
CA ASP A 121 -13.32 -1.72 5.69
C ASP A 121 -13.34 -0.99 7.02
N ARG A 122 -12.28 -1.14 7.83
CA ARG A 122 -12.21 -0.38 9.07
C ARG A 122 -11.85 1.08 8.82
N LEU A 123 -10.89 1.32 7.92
CA LEU A 123 -10.49 2.69 7.61
C LEU A 123 -11.63 3.47 6.97
N GLU A 124 -12.51 2.78 6.22
CA GLU A 124 -13.64 3.46 5.60
C GLU A 124 -14.69 3.86 6.63
N GLN A 125 -14.90 3.02 7.65
CA GLN A 125 -15.80 3.39 8.73
C GLN A 125 -15.26 4.58 9.51
N LEU A 126 -13.95 4.58 9.80
CA LEU A 126 -13.35 5.69 10.53
C LEU A 126 -13.38 6.97 9.70
N ALA A 127 -13.03 6.87 8.41
CA ALA A 127 -13.03 8.04 7.56
C ALA A 127 -14.44 8.54 7.26
N GLY A 128 -15.46 7.69 7.45
CA GLY A 128 -16.81 8.08 7.09
C GLY A 128 -17.08 8.12 5.61
N ASN A 129 -16.23 7.47 4.81
CA ASN A 129 -16.38 7.48 3.36
C ASN A 129 -15.86 6.16 2.80
N LEU A 130 -16.38 5.77 1.65
CA LEU A 130 -15.92 4.56 0.98
C LEU A 130 -14.83 4.90 -0.03
N ARG A 131 -14.10 3.87 -0.47
CA ARG A 131 -13.02 4.06 -1.42
C ARG A 131 -13.51 4.72 -2.71
N GLU A 132 -14.72 4.37 -3.14
CA GLU A 132 -15.28 4.96 -4.37
C GLU A 132 -15.61 6.43 -4.21
N ASN A 133 -15.47 7.00 -3.01
CA ASN A 133 -15.76 8.42 -2.77
C ASN A 133 -14.53 9.19 -2.30
N ILE A 134 -13.33 8.63 -2.41
CA ILE A 134 -12.11 9.27 -1.93
C ILE A 134 -11.20 9.51 -3.13
N GLU A 135 -10.92 10.78 -3.41
CA GLU A 135 -10.11 11.14 -4.57
C GLU A 135 -8.68 10.63 -4.42
N LEU A 136 -8.10 10.25 -5.55
CA LEU A 136 -6.71 9.82 -5.63
C LEU A 136 -5.96 10.70 -6.63
N GLY A 137 -4.68 10.87 -6.39
CA GLY A 137 -3.86 11.74 -7.21
C GLY A 137 -2.78 12.40 -6.37
N ASN A 138 -2.02 13.28 -7.02
CA ASN A 138 -0.92 13.95 -6.33
C ASN A 138 -1.44 14.97 -5.32
N GLY A 139 -2.51 15.68 -5.67
CA GLY A 139 -3.16 16.59 -4.76
C GLY A 139 -3.64 15.92 -3.49
N PRO A 140 -4.49 14.90 -3.63
CA PRO A 140 -4.90 14.13 -2.44
C PRO A 140 -3.75 13.53 -1.67
N LEU A 141 -2.63 13.22 -2.33
CA LEU A 141 -1.48 12.66 -1.62
C LEU A 141 -0.72 13.74 -0.87
N GLU A 142 -0.52 14.90 -1.48
CA GLU A 142 0.11 16.02 -0.79
C GLU A 142 -0.70 16.43 0.43
N GLU A 143 -2.03 16.40 0.32
CA GLU A 143 -2.88 16.76 1.45
C GLU A 143 -2.80 15.72 2.55
N ALA A 144 -2.74 14.43 2.18
CA ALA A 144 -2.59 13.38 3.18
C ALA A 144 -1.32 13.58 4.00
N ILE A 145 -0.18 13.77 3.31
CA ILE A 145 1.10 13.91 3.99
C ILE A 145 1.03 14.98 5.07
N SER A 146 0.46 16.14 4.74
CA SER A 146 0.27 17.19 5.75
C SER A 146 -0.63 16.71 6.87
N ALA A 147 -1.64 15.90 6.54
CA ALA A 147 -2.57 15.43 7.57
C ALA A 147 -1.96 14.35 8.46
N LEU A 148 -1.08 13.50 7.90
CA LEU A 148 -0.42 12.49 8.72
C LEU A 148 0.46 13.14 9.79
N TYR A 149 1.29 14.11 9.40
CA TYR A 149 2.17 14.77 10.36
C TYR A 149 1.38 15.49 11.44
N TYR A 150 0.46 16.36 11.02
CA TYR A 150 -0.25 17.21 11.98
C TYR A 150 -1.12 16.41 12.94
N TYR A 151 -1.28 15.09 12.71
CA TYR A 151 -1.87 14.25 13.74
C TYR A 151 -0.96 14.16 14.96
N SER A 152 0.36 14.24 14.76
CA SER A 152 1.29 14.20 15.87
C SER A 152 1.23 15.47 16.72
N THR A 153 0.73 16.57 16.16
CA THR A 153 0.61 17.83 16.88
C THR A 153 -0.83 18.13 17.29
N GLY A 154 -1.73 17.14 17.20
CA GLY A 154 -3.11 17.36 17.56
C GLY A 154 -3.90 18.21 16.60
N GLY A 155 -3.36 18.48 15.40
CA GLY A 155 -4.05 19.31 14.43
C GLY A 155 -4.89 18.56 13.42
N THR A 156 -4.83 17.23 13.42
CA THR A 156 -5.60 16.41 12.50
C THR A 156 -6.48 15.46 13.31
N GLN A 157 -7.79 15.47 13.04
CA GLN A 157 -8.70 14.56 13.71
C GLN A 157 -8.65 13.18 13.06
N LEU A 158 -9.22 12.19 13.75
CA LEU A 158 -9.13 10.82 13.29
C LEU A 158 -9.83 10.56 11.95
N PRO A 159 -11.04 11.08 11.68
CA PRO A 159 -11.65 10.82 10.37
C PRO A 159 -10.81 11.29 9.20
N THR A 160 -10.14 12.44 9.34
CA THR A 160 -9.21 12.89 8.30
C THR A 160 -7.99 12.01 8.22
N LEU A 161 -7.54 11.48 9.37
CA LEU A 161 -6.37 10.58 9.36
C LEU A 161 -6.68 9.27 8.66
N ALA A 162 -7.88 8.72 8.88
CA ALA A 162 -8.24 7.46 8.24
C ALA A 162 -8.37 7.63 6.73
N ARG A 163 -8.99 8.73 6.28
CA ARG A 163 -9.05 8.99 4.85
C ARG A 163 -7.65 9.16 4.27
N SER A 164 -6.75 9.79 5.02
CA SER A 164 -5.38 9.97 4.55
C SER A 164 -4.65 8.63 4.43
N PHE A 165 -4.96 7.68 5.30
CA PHE A 165 -4.40 6.33 5.16
C PHE A 165 -4.92 5.65 3.89
N ILE A 166 -6.21 5.84 3.57
CA ILE A 166 -6.80 5.21 2.41
C ILE A 166 -6.13 5.70 1.13
N ILE A 167 -5.85 7.00 1.06
CA ILE A 167 -5.14 7.53 -0.10
C ILE A 167 -3.73 6.94 -0.19
N CYS A 168 -2.98 7.00 0.90
CA CYS A 168 -1.59 6.57 0.87
C CYS A 168 -1.46 5.08 0.58
N ILE A 169 -2.35 4.26 1.18
CA ILE A 169 -2.26 2.81 0.99
C ILE A 169 -2.54 2.44 -0.47
N GLN A 170 -3.38 3.23 -1.15
CA GLN A 170 -3.73 2.88 -2.53
C GLN A 170 -2.64 3.26 -3.52
N MET A 171 -1.98 4.40 -3.32
CA MET A 171 -0.96 4.86 -4.26
C MET A 171 0.45 4.39 -3.92
N ILE A 172 0.62 3.62 -2.83
CA ILE A 172 1.93 3.05 -2.53
C ILE A 172 1.82 1.53 -2.50
N SER A 173 0.97 1.00 -1.63
CA SER A 173 0.84 -0.44 -1.50
C SER A 173 0.17 -1.05 -2.72
N GLU A 174 -1.01 -0.54 -3.08
CA GLU A 174 -1.72 -1.09 -4.23
C GLU A 174 -1.04 -0.76 -5.54
N ALA A 175 -0.34 0.38 -5.60
CA ALA A 175 0.40 0.72 -6.81
C ALA A 175 1.60 -0.19 -7.01
N ALA A 176 2.17 -0.71 -5.92
CA ALA A 176 3.25 -1.69 -6.04
C ALA A 176 2.70 -3.03 -6.51
N ARG A 177 1.60 -3.49 -5.89
CA ARG A 177 1.10 -4.83 -6.14
C ARG A 177 0.64 -5.00 -7.58
N PHE A 178 -0.04 -4.00 -8.15
CA PHE A 178 -0.63 -4.10 -9.47
C PHE A 178 -0.01 -3.05 -10.39
N GLN A 179 0.47 -3.47 -11.56
CA GLN A 179 0.83 -2.50 -12.58
C GLN A 179 -0.39 -1.75 -13.10
N TYR A 180 -1.57 -2.39 -13.07
CA TYR A 180 -2.78 -1.72 -13.51
C TYR A 180 -3.09 -0.51 -12.63
N ILE A 181 -2.97 -0.67 -11.31
CA ILE A 181 -3.27 0.43 -10.40
C ILE A 181 -2.20 1.52 -10.51
N GLU A 182 -0.93 1.12 -10.70
CA GLU A 182 0.11 2.11 -10.93
C GLU A 182 -0.16 2.90 -12.20
N GLY A 183 -0.64 2.22 -13.25
CA GLY A 183 -1.01 2.92 -14.47
C GLY A 183 -2.15 3.89 -14.26
N GLU A 184 -3.10 3.54 -13.38
CA GLU A 184 -4.18 4.46 -13.08
C GLU A 184 -3.67 5.70 -12.34
N MET A 185 -2.72 5.52 -11.43
CA MET A 185 -2.13 6.67 -10.74
C MET A 185 -1.31 7.53 -11.71
N ARG A 186 -0.58 6.89 -12.62
CA ARG A 186 0.22 7.64 -13.58
C ARG A 186 -0.65 8.46 -14.52
N THR A 187 -1.87 8.00 -14.80
CA THR A 187 -2.77 8.77 -15.65
C THR A 187 -3.26 10.03 -14.94
N ARG A 188 -3.47 9.95 -13.62
CA ARG A 188 -3.89 11.12 -12.87
C ARG A 188 -2.77 12.16 -12.82
N ILE A 189 -1.51 11.70 -12.70
CA ILE A 189 -0.38 12.61 -12.72
C ILE A 189 -0.20 13.21 -14.11
N ARG A 190 -0.39 12.39 -15.14
CA ARG A 190 -0.25 12.86 -16.52
C ARG A 190 -1.17 14.06 -16.80
N TYR A 191 -2.46 13.92 -16.49
CA TYR A 191 -3.44 14.94 -16.81
C TYR A 191 -3.76 15.85 -15.62
N ASN A 192 -3.05 15.69 -14.51
CA ASN A 192 -3.21 16.54 -13.33
C ASN A 192 -4.67 16.59 -12.87
N ARG A 193 -5.25 15.40 -12.68
CA ARG A 193 -6.63 15.28 -12.27
C ARG A 193 -6.74 14.36 -11.06
N ARG A 194 -7.65 14.69 -10.15
CA ARG A 194 -7.96 13.85 -9.01
C ARG A 194 -9.28 13.13 -9.28
N SER A 195 -9.30 11.82 -9.00
CA SER A 195 -10.49 11.03 -9.29
C SER A 195 -10.51 9.81 -8.38
N ALA A 196 -11.71 9.41 -7.97
CA ALA A 196 -11.86 8.24 -7.12
C ALA A 196 -11.69 6.96 -7.95
N PRO A 197 -11.30 5.85 -7.31
CA PRO A 197 -11.11 4.60 -8.06
C PRO A 197 -12.41 4.07 -8.63
N ASP A 198 -12.36 3.67 -9.90
CA ASP A 198 -13.49 3.03 -10.56
C ASP A 198 -13.58 1.57 -10.14
N PRO A 199 -14.77 0.93 -10.29
CA PRO A 199 -14.97 -0.43 -9.75
C PRO A 199 -13.94 -1.46 -10.18
N SER A 200 -13.18 -1.19 -11.24
CA SER A 200 -12.13 -2.13 -11.64
C SER A 200 -10.94 -2.09 -10.71
N VAL A 201 -10.80 -1.03 -9.92
CA VAL A 201 -9.66 -0.90 -9.01
C VAL A 201 -9.99 -1.44 -7.62
N ILE A 202 -11.12 -1.04 -7.04
CA ILE A 202 -11.53 -1.66 -5.78
C ILE A 202 -11.54 -3.18 -5.90
N THR A 203 -12.12 -3.70 -7.00
CA THR A 203 -12.22 -5.14 -7.19
C THR A 203 -10.86 -5.81 -7.17
N LEU A 204 -9.84 -5.19 -7.79
CA LEU A 204 -8.50 -5.78 -7.75
C LEU A 204 -7.93 -5.75 -6.34
N GLU A 205 -8.08 -4.63 -5.63
CA GLU A 205 -7.58 -4.53 -4.27
C GLU A 205 -8.20 -5.60 -3.37
N ASN A 206 -9.52 -5.80 -3.45
CA ASN A 206 -10.13 -6.83 -2.61
C ASN A 206 -9.77 -8.24 -3.06
N SER A 207 -9.32 -8.43 -4.29
CA SER A 207 -9.04 -9.77 -4.81
C SER A 207 -7.56 -10.14 -4.76
N TRP A 208 -6.71 -9.28 -4.20
CA TRP A 208 -5.28 -9.55 -4.22
C TRP A 208 -4.94 -10.86 -3.52
N GLY A 209 -5.55 -11.09 -2.35
CA GLY A 209 -5.34 -12.35 -1.67
C GLY A 209 -5.94 -13.54 -2.40
N ARG A 210 -7.07 -13.31 -3.09
CA ARG A 210 -7.71 -14.38 -3.84
C ARG A 210 -6.99 -14.66 -5.16
N LEU A 211 -6.43 -13.63 -5.80
CA LEU A 211 -5.60 -13.86 -6.97
C LEU A 211 -4.26 -14.48 -6.59
N SER A 212 -3.71 -14.10 -5.43
CA SER A 212 -2.51 -14.75 -4.94
C SER A 212 -2.75 -16.23 -4.66
N THR A 213 -4.00 -16.58 -4.31
CA THR A 213 -4.35 -17.98 -4.08
C THR A 213 -4.30 -18.77 -5.39
N ALA A 214 -5.07 -18.32 -6.38
CA ALA A 214 -5.29 -19.11 -7.59
C ALA A 214 -4.04 -19.25 -8.44
N ILE A 215 -3.08 -18.33 -8.32
CA ILE A 215 -1.91 -18.38 -9.19
C ILE A 215 -0.88 -19.37 -8.68
N GLN A 216 -0.54 -19.31 -7.39
CA GLN A 216 0.40 -20.28 -6.83
C GLN A 216 -0.17 -21.69 -6.76
N GLU A 217 -1.50 -21.82 -6.72
CA GLU A 217 -2.14 -23.12 -6.70
C GLU A 217 -2.57 -23.57 -8.09
N SER A 218 -2.10 -22.90 -9.13
CA SER A 218 -2.50 -23.23 -10.49
C SER A 218 -1.74 -24.45 -11.00
N ASN A 219 -2.45 -25.29 -11.75
CA ASN A 219 -1.84 -26.43 -12.43
C ASN A 219 -1.50 -26.01 -13.86
N GLN A 220 -0.21 -25.99 -14.17
CA GLN A 220 0.32 -25.58 -15.48
C GLN A 220 -0.05 -24.14 -15.83
N GLY A 221 -0.58 -23.37 -14.87
CA GLY A 221 -1.05 -22.03 -15.13
C GLY A 221 -2.56 -21.88 -15.18
N ALA A 222 -3.31 -22.97 -15.07
CA ALA A 222 -4.77 -22.92 -15.12
C ALA A 222 -5.34 -22.92 -13.71
N PHE A 223 -6.37 -22.10 -13.50
CA PHE A 223 -7.01 -22.01 -12.20
C PHE A 223 -7.90 -23.23 -11.96
N ALA A 224 -8.12 -23.54 -10.68
CA ALA A 224 -9.04 -24.61 -10.32
C ALA A 224 -10.49 -24.12 -10.42
N SER A 225 -10.76 -22.94 -9.88
CA SER A 225 -12.06 -22.29 -9.98
C SER A 225 -11.85 -20.84 -10.41
N PRO A 226 -12.71 -20.32 -11.27
CA PRO A 226 -12.51 -18.95 -11.79
C PRO A 226 -12.89 -17.91 -10.76
N ILE A 227 -12.03 -16.91 -10.61
CA ILE A 227 -12.33 -15.73 -9.80
C ILE A 227 -12.77 -14.62 -10.74
N GLN A 228 -13.56 -13.69 -10.21
CA GLN A 228 -14.25 -12.71 -11.03
C GLN A 228 -13.71 -11.31 -10.78
N LEU A 229 -13.42 -10.59 -11.86
CA LEU A 229 -13.01 -9.19 -11.82
C LEU A 229 -14.12 -8.31 -12.36
N GLN A 230 -13.87 -7.00 -12.38
CA GLN A 230 -14.85 -6.04 -12.86
C GLN A 230 -14.21 -5.14 -13.91
N ARG A 231 -14.91 -4.95 -15.02
CA ARG A 231 -14.53 -3.90 -15.95
C ARG A 231 -14.85 -2.53 -15.34
N ARG A 232 -14.26 -1.49 -15.92
CA ARG A 232 -14.35 -0.17 -15.32
C ARG A 232 -15.78 0.38 -15.28
N ASN A 233 -16.68 -0.16 -16.12
CA ASN A 233 -18.08 0.24 -16.09
C ASN A 233 -18.90 -0.57 -15.08
N GLY A 234 -18.25 -1.39 -14.26
CA GLY A 234 -18.94 -2.21 -13.29
C GLY A 234 -19.31 -3.59 -13.76
N SER A 235 -19.43 -3.81 -15.07
CA SER A 235 -19.76 -5.13 -15.59
C SER A 235 -18.63 -6.11 -15.28
N LYS A 236 -19.00 -7.36 -15.03
CA LYS A 236 -18.09 -8.37 -14.52
C LYS A 236 -17.69 -9.36 -15.60
N PHE A 237 -16.57 -10.04 -15.36
CA PHE A 237 -16.13 -11.17 -16.17
C PHE A 237 -15.37 -12.12 -15.24
N SER A 238 -14.77 -13.15 -15.82
CA SER A 238 -14.04 -14.15 -15.04
C SER A 238 -12.83 -14.62 -15.83
N VAL A 239 -11.67 -14.64 -15.17
CA VAL A 239 -10.45 -15.16 -15.78
C VAL A 239 -10.17 -16.54 -15.20
N TYR A 240 -9.48 -17.38 -15.98
CA TYR A 240 -9.24 -18.76 -15.59
C TYR A 240 -7.77 -19.17 -15.61
N ASP A 241 -6.86 -18.26 -15.92
CA ASP A 241 -5.45 -18.62 -16.00
C ASP A 241 -4.59 -17.42 -15.65
N VAL A 242 -3.28 -17.67 -15.55
CA VAL A 242 -2.35 -16.65 -15.10
C VAL A 242 -1.95 -15.72 -16.23
N SER A 243 -2.01 -16.18 -17.48
CA SER A 243 -1.43 -15.43 -18.60
C SER A 243 -2.13 -14.10 -18.84
N ILE A 244 -3.41 -13.99 -18.47
CA ILE A 244 -4.13 -12.73 -18.67
C ILE A 244 -3.83 -11.73 -17.57
N LEU A 245 -3.34 -12.17 -16.42
CA LEU A 245 -3.05 -11.29 -15.30
C LEU A 245 -1.56 -10.96 -15.16
N ILE A 246 -0.72 -11.49 -16.04
CA ILE A 246 0.73 -11.22 -15.94
C ILE A 246 1.04 -9.73 -16.03
N PRO A 247 0.49 -8.96 -16.98
CA PRO A 247 0.71 -7.51 -16.97
C PRO A 247 -0.13 -6.75 -15.96
N ILE A 248 -0.88 -7.45 -15.10
CA ILE A 248 -1.87 -6.83 -14.24
C ILE A 248 -1.46 -6.85 -12.77
N ILE A 249 -0.82 -7.93 -12.32
CA ILE A 249 -0.43 -8.07 -10.92
C ILE A 249 1.08 -8.31 -10.86
N ALA A 250 1.75 -7.60 -9.95
CA ALA A 250 3.20 -7.61 -9.86
C ALA A 250 3.76 -8.34 -8.64
N LEU A 251 3.01 -8.43 -7.55
CA LEU A 251 3.47 -9.12 -6.35
C LEU A 251 2.34 -9.96 -5.79
N MET A 252 2.72 -11.04 -5.10
CA MET A 252 1.75 -11.97 -4.53
C MET A 252 2.25 -12.43 -3.16
N VAL A 253 1.37 -12.38 -2.17
CA VAL A 253 1.69 -12.92 -0.86
C VAL A 253 1.83 -14.44 -0.97
N TYR A 254 2.79 -15.01 -0.24
CA TYR A 254 3.04 -16.44 -0.32
C TYR A 254 1.79 -17.24 0.06
N ARG A 255 1.61 -18.37 -0.60
CA ARG A 255 0.59 -19.34 -0.21
C ARG A 255 1.09 -20.77 -0.40
C10 ZXJ B . -12.42 -2.31 -19.16
C13 ZXJ B . -9.11 -6.38 -17.42
C15 ZXJ B . -7.77 -7.69 -15.88
C17 ZXJ B . -8.11 -8.47 -18.14
C01 ZXJ B . -9.95 -5.97 -14.18
C02 ZXJ B . -8.79 -5.51 -15.05
C03 ZXJ B . -7.53 -5.43 -14.19
C04 ZXJ B . -9.09 -4.15 -15.54
C05 ZXJ B . -9.93 -4.11 -16.81
C06 ZXJ B . -9.92 -5.21 -17.70
C08 ZXJ B . -11.45 -3.26 -18.44
C09 ZXJ B . -10.78 -3.04 -17.23
C14 ZXJ B . -8.55 -6.56 -16.15
C16 ZXJ B . -7.55 -8.64 -16.87
C18 ZXJ B . -8.89 -7.34 -18.41
O11 ZXJ B . -13.48 -2.75 -19.66
O12 ZXJ B . -12.15 -1.07 -19.23
S07 ZXJ B . -10.97 -4.80 -18.97
CL CL C . -11.15 -0.94 17.12
O1 2PE D . -20.70 5.86 4.80
C2 2PE D . -19.52 5.57 4.07
C3 2PE D . -18.56 4.75 4.88
O4 2PE D . -19.15 3.51 5.22
C5 2PE D . -18.22 2.56 5.72
C6 2PE D . -18.94 1.33 6.16
O7 2PE D . -20.19 1.68 6.71
#